data_3PF3
#
_entry.id   3PF3
#
_cell.length_a   56.373
_cell.length_b   102.881
_cell.length_c   118.908
_cell.angle_alpha   90.00
_cell.angle_beta   90.00
_cell.angle_gamma   90.00
#
_symmetry.space_group_name_H-M   'I 2 2 2'
#
loop_
_entity.id
_entity.type
_entity.pdbx_description
1 polymer 'Triosephosphate isomerase'
2 non-polymer 'SULFATE ION'
3 non-polymer 'CALCIUM ION'
4 non-polymer GLYCEROL
5 water water
#
_entity_poly.entity_id   1
_entity_poly.type   'polypeptide(L)'
_entity_poly.pdbx_seq_one_letter_code
;MPARRPFIGGNFK(SCH)NGSLDFIKSHVAAIAAHKIPDSVDVVIAPSAVHLSTAIAANTSKQLRIAAQNVYLEGNGAWT
GETSVEMLQDMGLKHVIVGHSERRRIMGETDEQSAKKAKRALEKGMTVIFCVGETLDERKANRTMEVNIAQLEALGKELG
ESKMLWKEVVIAYEPVWSIGTGVVATPEQAEEVHVGLRKWFAEKVAAEGAQHIRIIYGGSANGSN(SCH)EKLGQ(SCH)
PNIDGFLVGGASLKPEFMTMIDILTKTRT
;
_entity_poly.pdbx_strand_id   A
#
loop_
_chem_comp.id
_chem_comp.type
_chem_comp.name
_chem_comp.formula
CA non-polymer 'CALCIUM ION' 'Ca 2'
GOL non-polymer GLYCEROL 'C3 H8 O3'
SO4 non-polymer 'SULFATE ION' 'O4 S -2'
#
# COMPACT_ATOMS: atom_id res chain seq x y z
N PRO A 2 -19.75 -5.52 5.58
CA PRO A 2 -18.58 -6.40 5.60
C PRO A 2 -18.22 -6.64 4.16
N ALA A 3 -18.83 -5.82 3.30
CA ALA A 3 -18.52 -5.83 1.88
C ALA A 3 -17.48 -4.74 1.64
N ARG A 4 -16.32 -5.13 1.12
CA ARG A 4 -15.22 -4.19 0.92
C ARG A 4 -14.84 -4.01 -0.56
N ARG A 5 -14.58 -2.78 -0.94
CA ARG A 5 -14.10 -2.44 -2.28
C ARG A 5 -12.64 -2.92 -2.44
N PRO A 6 -12.36 -3.71 -3.49
CA PRO A 6 -11.02 -4.27 -3.74
C PRO A 6 -10.02 -3.17 -4.12
N PHE A 7 -8.75 -3.37 -3.79
CA PHE A 7 -7.71 -2.36 -4.02
C PHE A 7 -6.46 -3.04 -4.59
N ILE A 8 -5.90 -2.49 -5.68
CA ILE A 8 -4.59 -2.95 -6.17
C ILE A 8 -3.62 -1.78 -6.38
N GLY A 9 -2.45 -1.87 -5.78
CA GLY A 9 -1.43 -0.86 -5.97
C GLY A 9 -0.20 -1.41 -6.67
N GLY A 10 0.45 -0.60 -7.50
CA GLY A 10 1.68 -1.01 -8.14
C GLY A 10 2.81 -0.06 -7.77
N ASN A 11 3.85 -0.61 -7.14
CA ASN A 11 5.00 0.16 -6.67
C ASN A 11 6.20 -0.04 -7.61
N PHE A 12 6.51 0.97 -8.43
CA PHE A 12 7.60 0.85 -9.40
C PHE A 12 8.98 0.77 -8.74
N LYS A 13 9.07 1.21 -7.48
CA LYS A 13 10.34 1.24 -6.75
C LYS A 13 11.37 2.14 -7.48
N SCH A 14 12.67 1.86 -7.36
CA SCH A 14 13.69 2.68 -8.00
CB SCH A 14 14.93 2.81 -7.16
SG SCH A 14 16.06 4.08 -7.73
SD SCH A 14 17.25 4.59 -6.19
CE SCH A 14 18.64 3.49 -6.15
C SCH A 14 14.00 2.18 -9.37
O SCH A 14 15.15 1.77 -9.66
N ASN A 15 13.02 2.23 -10.26
CA ASN A 15 13.15 1.78 -11.65
C ASN A 15 12.43 2.74 -12.59
N GLY A 16 12.88 2.79 -13.85
CA GLY A 16 12.21 3.57 -14.88
C GLY A 16 13.07 4.65 -15.50
N SER A 17 12.81 4.93 -16.77
CA SER A 17 13.39 6.08 -17.46
C SER A 17 12.22 6.97 -17.84
N LEU A 18 12.49 8.17 -18.36
CA LEU A 18 11.39 9.04 -18.79
C LEU A 18 10.51 8.34 -19.84
N ASP A 19 11.15 7.74 -20.85
CA ASP A 19 10.43 7.07 -21.94
C ASP A 19 9.62 5.84 -21.47
N PHE A 20 10.19 5.05 -20.57
CA PHE A 20 9.47 3.90 -20.03
C PHE A 20 8.24 4.34 -19.24
N ILE A 21 8.37 5.40 -18.46
CA ILE A 21 7.20 5.91 -17.71
C ILE A 21 6.07 6.36 -18.63
N LYS A 22 6.39 7.17 -19.64
CA LYS A 22 5.37 7.61 -20.61
C LYS A 22 4.68 6.40 -21.23
N SER A 23 5.48 5.43 -21.65
CA SER A 23 5.00 4.26 -22.38
C SER A 23 4.14 3.33 -21.52
N HIS A 24 4.63 3.03 -20.31
CA HIS A 24 3.95 2.07 -19.43
C HIS A 24 2.70 2.68 -18.76
N VAL A 25 2.79 3.93 -18.32
CA VAL A 25 1.58 4.60 -17.85
C VAL A 25 0.52 4.66 -18.95
N ALA A 26 0.90 5.02 -20.18
CA ALA A 26 -0.07 5.00 -21.28
C ALA A 26 -0.72 3.62 -21.48
N ALA A 27 0.08 2.56 -21.41
CA ALA A 27 -0.45 1.20 -21.58
C ALA A 27 -1.46 0.80 -20.49
N ILE A 28 -1.17 1.13 -19.23
CA ILE A 28 -2.12 0.88 -18.15
C ILE A 28 -3.37 1.74 -18.32
N ALA A 29 -3.15 3.01 -18.66
CA ALA A 29 -4.27 3.94 -18.77
C ALA A 29 -5.22 3.56 -19.92
N ALA A 30 -4.71 2.78 -20.87
CA ALA A 30 -5.50 2.39 -22.05
C ALA A 30 -6.38 1.20 -21.74
N HIS A 31 -6.05 0.50 -20.67
CA HIS A 31 -6.82 -0.67 -20.23
C HIS A 31 -8.15 -0.25 -19.60
N LYS A 32 -9.16 -1.10 -19.70
CA LYS A 32 -10.42 -0.86 -19.01
C LYS A 32 -10.26 -1.04 -17.51
N ILE A 33 -10.47 0.04 -16.76
CA ILE A 33 -10.42 -0.03 -15.31
C ILE A 33 -11.80 0.30 -14.75
N PRO A 34 -12.49 -0.72 -14.18
CA PRO A 34 -13.85 -0.50 -13.69
C PRO A 34 -13.89 0.46 -12.51
N ASP A 35 -15.04 1.10 -12.29
CA ASP A 35 -15.17 2.06 -11.21
C ASP A 35 -15.39 1.37 -9.86
N SER A 36 -15.44 0.04 -9.89
CA SER A 36 -15.73 -0.78 -8.71
C SER A 36 -14.46 -1.31 -8.02
N VAL A 37 -13.30 -0.93 -8.53
CA VAL A 37 -12.02 -1.33 -7.95
C VAL A 37 -11.09 -0.12 -7.90
N ASP A 38 -10.35 0.05 -6.81
CA ASP A 38 -9.33 1.11 -6.76
C ASP A 38 -8.02 0.62 -7.37
N VAL A 39 -7.45 1.39 -8.30
CA VAL A 39 -6.17 1.05 -8.91
C VAL A 39 -5.20 2.24 -8.78
N VAL A 40 -4.05 1.99 -8.15
CA VAL A 40 -3.06 3.04 -7.89
C VAL A 40 -1.67 2.59 -8.33
N ILE A 41 -0.91 3.48 -8.95
CA ILE A 41 0.51 3.23 -9.24
C ILE A 41 1.40 4.28 -8.59
N ALA A 42 2.58 3.85 -8.17
CA ALA A 42 3.52 4.72 -7.46
C ALA A 42 4.90 4.74 -8.13
N PRO A 43 5.08 5.70 -9.05
CA PRO A 43 6.37 5.98 -9.69
C PRO A 43 7.38 6.57 -8.72
N SER A 44 8.66 6.55 -9.09
CA SER A 44 9.69 7.22 -8.32
C SER A 44 9.44 8.75 -8.33
N ALA A 45 9.86 9.45 -7.28
CA ALA A 45 9.54 10.87 -7.11
C ALA A 45 9.88 11.79 -8.30
N VAL A 46 11.07 11.64 -8.91
CA VAL A 46 11.42 12.48 -10.06
C VAL A 46 10.55 12.23 -11.29
N HIS A 47 9.78 11.13 -11.29
CA HIS A 47 8.89 10.78 -12.40
C HIS A 47 7.41 11.11 -12.18
N LEU A 48 7.05 11.62 -11.01
CA LEU A 48 5.62 11.86 -10.73
C LEU A 48 4.92 12.79 -11.74
N SER A 49 5.56 13.91 -12.05
N SER A 49 5.57 13.90 -12.06
CA SER A 49 5.02 14.87 -13.02
CA SER A 49 5.00 14.87 -13.00
C SER A 49 4.81 14.22 -14.39
C SER A 49 4.86 14.29 -14.42
N THR A 50 5.79 13.43 -14.81
CA THR A 50 5.71 12.76 -16.10
C THR A 50 4.56 11.74 -16.16
N ALA A 51 4.44 10.93 -15.12
CA ALA A 51 3.32 9.99 -14.99
C ALA A 51 1.94 10.69 -15.00
N ILE A 52 1.82 11.80 -14.28
CA ILE A 52 0.56 12.55 -14.24
C ILE A 52 0.17 13.02 -15.65
N ALA A 53 1.15 13.56 -16.39
CA ALA A 53 0.89 14.05 -17.73
C ALA A 53 0.47 12.94 -18.70
N ALA A 54 1.01 11.73 -18.51
CA ALA A 54 0.72 10.61 -19.40
C ALA A 54 -0.57 9.88 -19.02
N ASN A 55 -1.07 10.13 -17.81
CA ASN A 55 -2.26 9.42 -17.32
C ASN A 55 -3.55 9.99 -17.88
N THR A 56 -4.09 9.31 -18.88
CA THR A 56 -5.30 9.74 -19.56
C THR A 56 -6.55 9.04 -19.00
N SER A 57 -6.37 8.21 -17.97
CA SER A 57 -7.51 7.50 -17.37
C SER A 57 -8.22 8.29 -16.28
N LYS A 58 -9.54 8.23 -16.26
CA LYS A 58 -10.31 8.83 -15.15
C LYS A 58 -10.32 7.98 -13.86
N GLN A 59 -9.93 6.71 -13.96
N GLN A 59 -9.92 6.72 -13.94
CA GLN A 59 -9.93 5.82 -12.81
CA GLN A 59 -9.92 5.85 -12.77
C GLN A 59 -8.55 5.69 -12.15
C GLN A 59 -8.54 5.69 -12.14
N LEU A 60 -7.51 5.56 -12.97
CA LEU A 60 -6.14 5.39 -12.47
C LEU A 60 -5.70 6.52 -11.55
N ARG A 61 -5.15 6.18 -10.38
CA ARG A 61 -4.59 7.18 -9.47
C ARG A 61 -3.10 7.00 -9.35
N ILE A 62 -2.42 8.09 -9.00
CA ILE A 62 -0.97 8.13 -8.85
C ILE A 62 -0.58 8.43 -7.40
N ALA A 63 0.37 7.67 -6.87
CA ALA A 63 0.81 7.78 -5.47
C ALA A 63 2.30 8.08 -5.42
N ALA A 64 2.76 8.69 -4.33
CA ALA A 64 4.18 8.81 -4.06
C ALA A 64 4.65 7.58 -3.25
N GLN A 65 5.94 7.25 -3.33
CA GLN A 65 6.47 6.08 -2.63
C GLN A 65 6.87 6.35 -1.17
N ASN A 66 6.94 7.62 -0.80
CA ASN A 66 7.41 8.01 0.53
C ASN A 66 7.12 9.50 0.72
N VAL A 67 7.12 9.97 1.96
CA VAL A 67 6.99 11.39 2.24
C VAL A 67 7.70 11.68 3.57
N TYR A 68 8.11 12.93 3.82
CA TYR A 68 8.72 13.29 5.11
C TYR A 68 7.67 13.67 6.18
N LEU A 69 8.11 13.84 7.42
CA LEU A 69 7.14 14.07 8.50
C LEU A 69 7.12 15.48 9.07
N GLU A 70 7.60 16.43 8.27
CA GLU A 70 7.47 17.87 8.56
C GLU A 70 6.76 18.55 7.38
N GLY A 71 6.35 19.80 7.55
CA GLY A 71 5.90 20.61 6.43
C GLY A 71 7.08 21.26 5.73
N ASN A 72 6.78 22.14 4.76
CA ASN A 72 7.83 22.83 4.01
C ASN A 72 8.83 23.55 4.92
N GLY A 73 10.12 23.44 4.60
CA GLY A 73 11.16 24.07 5.39
C GLY A 73 12.56 23.59 5.02
N ALA A 74 13.49 23.67 5.97
CA ALA A 74 14.88 23.29 5.72
C ALA A 74 15.12 21.79 5.87
N TRP A 75 14.66 21.01 4.89
CA TRP A 75 14.79 19.55 4.93
C TRP A 75 15.34 18.97 3.62
N THR A 76 16.57 19.36 3.28
CA THR A 76 17.27 18.96 2.05
C THR A 76 17.09 17.47 1.69
N GLY A 77 16.55 17.24 0.49
CA GLY A 77 16.38 15.90 -0.05
C GLY A 77 15.03 15.26 0.24
N GLU A 78 14.21 15.92 1.06
CA GLU A 78 12.89 15.36 1.40
C GLU A 78 11.71 15.94 0.60
N THR A 79 10.54 15.29 0.74
CA THR A 79 9.31 15.69 0.05
C THR A 79 8.19 15.85 1.08
N SER A 80 7.40 16.92 0.96
CA SER A 80 6.34 17.17 1.94
C SER A 80 4.96 16.75 1.43
N VAL A 81 4.05 16.52 2.37
CA VAL A 81 2.64 16.27 2.07
C VAL A 81 2.09 17.44 1.24
N GLU A 82 2.42 18.66 1.64
CA GLU A 82 1.98 19.86 0.91
C GLU A 82 2.40 19.87 -0.58
N MET A 83 3.64 19.47 -0.86
CA MET A 83 4.09 19.34 -2.25
C MET A 83 3.24 18.35 -3.07
N LEU A 84 2.97 17.19 -2.51
CA LEU A 84 2.17 16.19 -3.21
C LEU A 84 0.76 16.71 -3.54
N GLN A 85 0.10 17.32 -2.56
CA GLN A 85 -1.25 17.84 -2.79
C GLN A 85 -1.29 18.97 -3.82
N ASP A 86 -0.27 19.82 -3.82
CA ASP A 86 -0.13 20.86 -4.86
C ASP A 86 -0.02 20.27 -6.27
N MET A 87 0.51 19.06 -6.37
CA MET A 87 0.60 18.35 -7.65
C MET A 87 -0.70 17.60 -7.97
N GLY A 88 -1.63 17.60 -7.03
CA GLY A 88 -2.92 16.97 -7.25
C GLY A 88 -2.99 15.52 -6.81
N LEU A 89 -1.99 15.06 -6.05
CA LEU A 89 -1.95 13.66 -5.57
C LEU A 89 -2.68 13.48 -4.26
N LYS A 90 -3.30 12.32 -4.07
CA LYS A 90 -4.04 12.04 -2.85
C LYS A 90 -3.63 10.71 -2.21
N HIS A 91 -2.63 10.04 -2.76
CA HIS A 91 -2.19 8.73 -2.24
C HIS A 91 -0.70 8.74 -1.94
N VAL A 92 -0.29 8.04 -0.89
CA VAL A 92 1.12 7.92 -0.58
C VAL A 92 1.39 6.63 0.17
N ILE A 93 2.51 5.97 -0.16
CA ILE A 93 2.92 4.77 0.56
C ILE A 93 3.76 5.17 1.79
N VAL A 94 3.41 4.61 2.95
CA VAL A 94 4.20 4.87 4.16
C VAL A 94 4.69 3.58 4.83
N GLY A 95 5.97 3.55 5.19
CA GLY A 95 6.50 2.47 6.02
C GLY A 95 6.87 1.19 5.27
N HIS A 96 7.09 1.30 3.97
CA HIS A 96 7.55 0.15 3.18
C HIS A 96 8.77 -0.48 3.86
N SER A 97 8.85 -1.80 3.85
CA SER A 97 9.91 -2.51 4.58
C SER A 97 11.32 -2.15 4.08
N GLU A 98 11.44 -1.82 2.80
CA GLU A 98 12.75 -1.42 2.30
C GLU A 98 13.25 -0.17 3.06
N ARG A 99 12.31 0.64 3.55
CA ARG A 99 12.69 1.81 4.35
C ARG A 99 12.80 1.52 5.85
N ARG A 100 11.96 0.62 6.35
CA ARG A 100 12.05 0.22 7.76
C ARG A 100 13.34 -0.53 8.06
N ARG A 101 13.66 -1.51 7.21
CA ARG A 101 14.73 -2.46 7.49
C ARG A 101 16.09 -2.10 6.86
N ILE A 102 16.09 -1.32 5.78
CA ILE A 102 17.35 -1.00 5.12
C ILE A 102 17.83 0.42 5.42
N MET A 103 16.89 1.35 5.62
CA MET A 103 17.25 2.75 5.80
C MET A 103 16.88 3.30 7.19
N GLY A 104 16.62 2.39 8.12
CA GLY A 104 16.45 2.75 9.52
C GLY A 104 15.22 3.54 9.93
N GLU A 105 14.16 3.49 9.13
CA GLU A 105 12.92 4.19 9.50
C GLU A 105 12.16 3.44 10.61
N THR A 106 11.98 4.11 11.75
CA THR A 106 11.44 3.47 12.95
C THR A 106 9.92 3.41 12.97
N ASP A 107 9.37 2.53 13.80
CA ASP A 107 7.92 2.42 13.95
C ASP A 107 7.24 3.77 14.12
N GLU A 108 7.74 4.58 15.05
CA GLU A 108 7.11 5.87 15.38
C GLU A 108 7.21 6.90 14.24
N GLN A 109 8.35 6.92 13.55
CA GLN A 109 8.52 7.78 12.38
C GLN A 109 7.53 7.41 11.29
N SER A 110 7.34 6.10 11.05
CA SER A 110 6.34 5.66 10.08
C SER A 110 4.97 6.15 10.50
N ALA A 111 4.64 5.98 11.79
CA ALA A 111 3.34 6.39 12.33
C ALA A 111 3.10 7.90 12.21
N LYS A 112 4.13 8.69 12.46
CA LYS A 112 4.02 10.14 12.36
C LYS A 112 3.88 10.61 10.91
N LYS A 113 4.58 9.96 9.98
CA LYS A 113 4.39 10.28 8.56
C LYS A 113 2.93 10.05 8.17
N ALA A 114 2.39 8.89 8.57
CA ALA A 114 1.03 8.54 8.20
C ALA A 114 0.02 9.51 8.79
N LYS A 115 0.17 9.81 10.08
CA LYS A 115 -0.78 10.70 10.75
C LYS A 115 -0.90 12.05 10.05
N ARG A 116 0.24 12.63 9.68
N ARG A 116 0.25 12.63 9.68
CA ARG A 116 0.25 13.94 9.05
CA ARG A 116 0.26 13.94 9.04
C ARG A 116 -0.44 13.89 7.69
C ARG A 116 -0.41 13.91 7.67
N ALA A 117 -0.13 12.87 6.90
CA ALA A 117 -0.76 12.71 5.60
C ALA A 117 -2.28 12.55 5.75
N LEU A 118 -2.69 11.76 6.73
CA LEU A 118 -4.10 11.50 6.93
C LEU A 118 -4.86 12.76 7.37
N GLU A 119 -4.26 13.53 8.27
CA GLU A 119 -4.88 14.76 8.74
C GLU A 119 -5.08 15.76 7.61
N LYS A 120 -4.20 15.73 6.62
CA LYS A 120 -4.32 16.63 5.46
C LYS A 120 -5.33 16.13 4.42
N GLY A 121 -5.88 14.95 4.65
CA GLY A 121 -6.87 14.40 3.73
C GLY A 121 -6.35 13.37 2.73
N MET A 122 -5.12 12.89 2.89
CA MET A 122 -4.58 11.88 1.97
C MET A 122 -5.02 10.44 2.31
N THR A 123 -4.98 9.56 1.31
CA THR A 123 -5.08 8.11 1.55
C THR A 123 -3.69 7.51 1.73
N VAL A 124 -3.49 6.77 2.82
CA VAL A 124 -2.19 6.15 3.11
C VAL A 124 -2.20 4.63 2.97
N ILE A 125 -1.30 4.09 2.14
CA ILE A 125 -1.05 2.65 2.09
C ILE A 125 0.04 2.34 3.12
N PHE A 126 -0.37 1.82 4.27
CA PHE A 126 0.52 1.68 5.43
C PHE A 126 1.07 0.27 5.53
N CYS A 127 2.40 0.10 5.40
CA CYS A 127 2.99 -1.24 5.24
C CYS A 127 3.49 -1.83 6.57
N VAL A 128 3.18 -3.10 6.81
CA VAL A 128 3.70 -3.82 7.98
C VAL A 128 4.25 -5.17 7.53
N GLY A 129 5.19 -5.75 8.29
CA GLY A 129 5.72 -7.07 7.94
C GLY A 129 6.89 -7.54 8.79
N GLU A 130 7.05 -8.85 8.89
CA GLU A 130 8.07 -9.46 9.76
C GLU A 130 9.18 -10.10 8.94
N THR A 131 10.39 -10.17 9.49
CA THR A 131 11.52 -10.80 8.80
C THR A 131 11.52 -12.30 9.00
N LEU A 132 12.35 -13.01 8.24
CA LEU A 132 12.48 -14.46 8.39
C LEU A 132 12.92 -14.85 9.81
N ASP A 133 13.89 -14.12 10.35
CA ASP A 133 14.31 -14.40 11.74
C ASP A 133 13.15 -14.25 12.73
N GLU A 134 12.39 -13.17 12.62
CA GLU A 134 11.26 -12.95 13.53
C GLU A 134 10.18 -14.04 13.41
N ARG A 135 9.96 -14.54 12.20
CA ARG A 135 8.99 -15.61 11.99
C ARG A 135 9.50 -16.92 12.60
N LYS A 136 10.81 -17.16 12.48
CA LYS A 136 11.45 -18.35 13.05
C LYS A 136 11.41 -18.33 14.59
N ALA A 137 11.58 -17.15 15.17
CA ALA A 137 11.48 -16.99 16.62
C ALA A 137 10.01 -16.92 17.05
N ASN A 138 9.10 -17.26 16.14
CA ASN A 138 7.67 -17.25 16.41
C ASN A 138 7.10 -15.89 16.89
N ARG A 139 7.55 -14.81 16.26
CA ARG A 139 7.14 -13.47 16.67
C ARG A 139 6.34 -12.74 15.58
N THR A 140 5.82 -13.48 14.62
CA THR A 140 5.14 -12.88 13.47
C THR A 140 4.07 -11.85 13.85
N MET A 141 3.09 -12.27 14.66
CA MET A 141 1.96 -11.39 14.98
C MET A 141 2.35 -10.25 15.91
N GLU A 142 3.31 -10.51 16.78
CA GLU A 142 3.79 -9.50 17.70
C GLU A 142 4.47 -8.35 16.95
N VAL A 143 5.28 -8.68 15.96
CA VAL A 143 5.94 -7.67 15.14
C VAL A 143 4.88 -6.83 14.40
N ASN A 144 4.03 -7.51 13.65
CA ASN A 144 3.04 -6.83 12.83
C ASN A 144 2.14 -5.91 13.65
N ILE A 145 1.73 -6.36 14.83
CA ILE A 145 0.85 -5.57 15.69
C ILE A 145 1.57 -4.38 16.35
N ALA A 146 2.84 -4.55 16.71
CA ALA A 146 3.59 -3.43 17.23
C ALA A 146 3.66 -2.31 16.19
N GLN A 147 3.94 -2.66 14.94
CA GLN A 147 4.03 -1.65 13.88
C GLN A 147 2.71 -0.86 13.74
N LEU A 148 1.59 -1.57 13.85
N LEU A 148 1.58 -1.55 13.82
CA LEU A 148 0.25 -1.00 13.72
CA LEU A 148 0.27 -0.92 13.72
C LEU A 148 -0.18 -0.22 14.96
C LEU A 148 -0.08 -0.13 14.98
N GLU A 149 0.24 -0.69 16.14
CA GLU A 149 -0.05 -0.04 17.40
C GLU A 149 0.52 1.37 17.42
N ALA A 150 1.78 1.50 17.02
CA ALA A 150 2.39 2.83 16.90
C ALA A 150 1.45 3.81 16.17
N LEU A 151 0.92 3.42 15.01
CA LEU A 151 -0.06 4.26 14.31
C LEU A 151 -1.30 4.58 15.17
N GLY A 152 -1.85 3.56 15.83
CA GLY A 152 -2.97 3.77 16.74
C GLY A 152 -2.63 4.82 17.79
N LYS A 153 -1.42 4.72 18.33
CA LYS A 153 -0.95 5.68 19.32
C LYS A 153 -0.99 7.10 18.78
N GLU A 154 -0.34 7.34 17.63
CA GLU A 154 -0.32 8.67 17.03
C GLU A 154 -1.70 9.17 16.64
N LEU A 155 -2.56 8.26 16.16
CA LEU A 155 -3.87 8.68 15.69
C LEU A 155 -4.75 9.16 16.84
N GLY A 156 -4.83 8.37 17.91
CA GLY A 156 -5.53 8.80 19.12
C GLY A 156 -6.97 8.32 19.21
N GLU A 157 -7.84 9.13 19.81
CA GLU A 157 -9.26 8.79 19.92
C GLU A 157 -10.00 9.34 18.69
N SER A 158 -9.22 9.86 17.76
CA SER A 158 -9.69 10.25 16.44
C SER A 158 -9.67 9.07 15.50
N LYS A 159 -10.57 8.12 15.69
N LYS A 159 -10.58 8.13 15.70
CA LYS A 159 -10.57 6.90 14.89
CA LYS A 159 -10.60 6.91 14.90
C LYS A 159 -11.09 7.16 13.47
C LYS A 159 -11.14 7.14 13.48
N MET A 160 -11.65 8.34 13.24
CA MET A 160 -12.14 8.70 11.91
C MET A 160 -11.03 8.78 10.85
N LEU A 161 -9.80 9.06 11.27
CA LEU A 161 -8.68 9.12 10.34
C LEU A 161 -8.34 7.73 9.76
N TRP A 162 -8.70 6.66 10.49
CA TRP A 162 -8.49 5.29 10.01
C TRP A 162 -9.25 5.02 8.72
N LYS A 163 -10.31 5.77 8.47
CA LYS A 163 -11.14 5.56 7.28
C LYS A 163 -10.35 5.61 5.97
N GLU A 164 -9.24 6.35 5.94
CA GLU A 164 -8.46 6.51 4.72
C GLU A 164 -7.13 5.75 4.75
N VAL A 165 -7.05 4.75 5.63
CA VAL A 165 -5.91 3.86 5.68
C VAL A 165 -6.19 2.57 4.93
N VAL A 166 -5.24 2.17 4.09
CA VAL A 166 -5.21 0.82 3.51
C VAL A 166 -3.99 0.09 4.10
N ILE A 167 -4.22 -1.01 4.82
CA ILE A 167 -3.09 -1.74 5.41
C ILE A 167 -2.51 -2.71 4.39
N ALA A 168 -1.20 -2.68 4.21
CA ALA A 168 -0.54 -3.65 3.34
C ALA A 168 0.40 -4.57 4.12
N TYR A 169 0.09 -5.86 4.14
CA TYR A 169 0.97 -6.85 4.78
C TYR A 169 1.95 -7.42 3.75
N GLU A 170 3.24 -7.22 3.96
CA GLU A 170 4.26 -7.79 3.07
C GLU A 170 5.34 -8.50 3.89
N PRO A 171 5.26 -9.83 3.99
CA PRO A 171 6.33 -10.48 4.75
C PRO A 171 7.67 -10.12 4.12
N VAL A 172 8.65 -9.75 4.94
CA VAL A 172 9.92 -9.28 4.40
C VAL A 172 10.65 -10.34 3.56
N TRP A 173 10.56 -11.60 3.97
CA TRP A 173 11.18 -12.69 3.21
C TRP A 173 10.51 -12.94 1.85
N SER A 174 9.39 -12.28 1.59
CA SER A 174 8.66 -12.43 0.33
C SER A 174 8.94 -11.28 -0.65
N ILE A 175 9.63 -10.26 -0.17
CA ILE A 175 9.83 -9.04 -0.96
C ILE A 175 10.98 -9.18 -1.96
N GLY A 176 10.63 -9.32 -3.24
CA GLY A 176 11.61 -9.36 -4.32
C GLY A 176 12.32 -10.68 -4.49
N THR A 177 11.83 -11.73 -3.84
CA THR A 177 12.55 -13.00 -3.74
C THR A 177 11.92 -14.11 -4.58
N GLY A 178 10.70 -13.87 -5.06
CA GLY A 178 9.94 -14.87 -5.76
C GLY A 178 9.41 -15.96 -4.85
N VAL A 179 9.51 -15.77 -3.54
CA VAL A 179 8.91 -16.70 -2.58
C VAL A 179 7.60 -16.14 -1.99
N VAL A 180 6.51 -16.31 -2.72
CA VAL A 180 5.20 -15.82 -2.28
C VAL A 180 4.71 -16.61 -1.07
N ALA A 181 4.01 -15.95 -0.15
CA ALA A 181 3.39 -16.68 0.98
C ALA A 181 2.25 -17.56 0.46
N THR A 182 1.96 -18.65 1.16
CA THR A 182 0.79 -19.48 0.82
C THR A 182 -0.50 -18.76 1.24
N PRO A 183 -1.63 -19.11 0.63
CA PRO A 183 -2.89 -18.50 1.07
C PRO A 183 -3.08 -18.68 2.56
N GLU A 184 -2.74 -19.86 3.08
CA GLU A 184 -2.85 -20.14 4.50
C GLU A 184 -2.01 -19.20 5.37
N GLN A 185 -0.74 -18.98 4.98
CA GLN A 185 0.12 -18.07 5.73
C GLN A 185 -0.42 -16.62 5.73
N ALA A 186 -0.84 -16.14 4.57
CA ALA A 186 -1.27 -14.74 4.46
C ALA A 186 -2.62 -14.50 5.15
N GLU A 187 -3.59 -15.37 4.88
CA GLU A 187 -4.91 -15.29 5.53
C GLU A 187 -4.83 -15.34 7.07
N GLU A 188 -3.96 -16.20 7.59
CA GLU A 188 -3.71 -16.23 9.03
C GLU A 188 -3.33 -14.86 9.58
N VAL A 189 -2.34 -14.22 8.95
CA VAL A 189 -1.91 -12.91 9.41
C VAL A 189 -3.02 -11.87 9.24
N HIS A 190 -3.71 -11.88 8.11
CA HIS A 190 -4.79 -10.92 7.88
C HIS A 190 -5.88 -11.07 8.94
N VAL A 191 -6.26 -12.31 9.27
CA VAL A 191 -7.26 -12.59 10.32
C VAL A 191 -6.80 -11.99 11.64
N GLY A 192 -5.56 -12.28 12.00
CA GLY A 192 -4.93 -11.63 13.14
C GLY A 192 -5.11 -10.12 13.17
N LEU A 193 -4.90 -9.46 12.04
CA LEU A 193 -4.97 -7.99 12.01
C LEU A 193 -6.43 -7.46 12.12
N ARG A 194 -7.36 -8.15 11.48
CA ARG A 194 -8.78 -7.83 11.64
C ARG A 194 -9.17 -7.81 13.11
N LYS A 195 -8.77 -8.85 13.82
CA LYS A 195 -9.13 -9.00 15.23
C LYS A 195 -8.51 -7.90 16.07
N TRP A 196 -7.24 -7.58 15.82
CA TRP A 196 -6.64 -6.45 16.51
C TRP A 196 -7.46 -5.17 16.25
N PHE A 197 -7.77 -4.91 14.99
CA PHE A 197 -8.51 -3.71 14.63
C PHE A 197 -9.88 -3.64 15.32
N ALA A 198 -10.59 -4.76 15.35
CA ALA A 198 -11.86 -4.86 16.06
C ALA A 198 -11.74 -4.53 17.55
N GLU A 199 -10.70 -5.08 18.19
N GLU A 199 -10.70 -5.07 18.20
CA GLU A 199 -10.47 -4.88 19.62
CA GLU A 199 -10.50 -4.87 19.63
C GLU A 199 -10.00 -3.48 19.98
C GLU A 199 -9.97 -3.48 20.00
N LYS A 200 -9.01 -2.99 19.23
CA LYS A 200 -8.37 -1.71 19.57
C LYS A 200 -8.98 -0.47 18.92
N VAL A 201 -9.72 -0.65 17.83
CA VAL A 201 -10.33 0.49 17.15
C VAL A 201 -11.86 0.47 17.13
N ALA A 202 -12.43 -0.47 16.37
CA ALA A 202 -13.89 -0.59 16.27
C ALA A 202 -14.30 -1.84 15.49
N ALA A 203 -15.35 -2.52 15.95
CA ALA A 203 -15.86 -3.71 15.27
C ALA A 203 -16.44 -3.37 13.90
N GLU A 204 -17.21 -2.29 13.82
CA GLU A 204 -17.73 -1.89 12.52
C GLU A 204 -16.61 -1.46 11.55
N GLY A 205 -15.57 -0.83 12.09
CA GLY A 205 -14.46 -0.38 11.26
C GLY A 205 -13.75 -1.56 10.62
N ALA A 206 -13.47 -2.57 11.45
CA ALA A 206 -12.81 -3.80 11.02
C ALA A 206 -13.51 -4.44 9.83
N GLN A 207 -14.82 -4.25 9.74
CA GLN A 207 -15.60 -4.77 8.62
C GLN A 207 -15.35 -4.01 7.30
N HIS A 208 -14.78 -2.80 7.39
CA HIS A 208 -14.67 -1.91 6.22
C HIS A 208 -13.23 -1.57 5.77
N ILE A 209 -12.27 -1.63 6.67
CA ILE A 209 -10.89 -1.30 6.27
C ILE A 209 -10.30 -2.36 5.33
N ARG A 210 -9.61 -1.91 4.28
CA ARG A 210 -8.95 -2.83 3.36
C ARG A 210 -7.59 -3.28 3.89
N ILE A 211 -7.32 -4.58 3.74
CA ILE A 211 -6.03 -5.14 4.07
C ILE A 211 -5.51 -5.89 2.85
N ILE A 212 -4.42 -5.42 2.24
CA ILE A 212 -3.94 -6.04 1.01
C ILE A 212 -2.67 -6.85 1.27
N TYR A 213 -2.39 -7.81 0.38
CA TYR A 213 -1.18 -8.63 0.49
C TYR A 213 -0.10 -8.19 -0.51
N GLY A 214 1.16 -8.15 -0.08
CA GLY A 214 2.27 -7.90 -0.98
C GLY A 214 3.49 -8.81 -0.78
N GLY A 215 4.30 -8.95 -1.83
CA GLY A 215 5.52 -9.75 -1.74
C GLY A 215 5.49 -10.88 -2.76
N SER A 216 6.11 -10.65 -3.92
CA SER A 216 6.10 -11.63 -4.99
C SER A 216 4.69 -11.97 -5.52
N ALA A 217 3.73 -11.07 -5.31
CA ALA A 217 2.40 -11.25 -5.92
C ALA A 217 2.47 -10.95 -7.42
N ASN A 218 1.83 -11.81 -8.22
CA ASN A 218 1.81 -11.62 -9.67
C ASN A 218 0.61 -12.29 -10.33
N GLY A 219 0.58 -12.27 -11.66
CA GLY A 219 -0.55 -12.76 -12.43
C GLY A 219 -0.78 -14.26 -12.34
N SER A 220 0.25 -15.01 -11.93
CA SER A 220 0.14 -16.46 -11.82
C SER A 220 -0.40 -16.90 -10.46
N ASN A 221 0.02 -16.22 -9.40
CA ASN A 221 -0.31 -16.65 -8.05
C ASN A 221 -1.39 -15.81 -7.36
N SCH A 222 -1.89 -14.76 -8.01
CA SCH A 222 -2.77 -13.83 -7.33
CB SCH A 222 -2.70 -12.43 -7.85
SG SCH A 222 -3.47 -12.24 -9.43
SD SCH A 222 -5.40 -11.74 -9.24
CE SCH A 222 -5.53 -10.09 -8.61
C SCH A 222 -4.19 -14.31 -7.16
O SCH A 222 -4.83 -14.01 -6.11
N GLU A 223 -4.73 -15.04 -8.13
CA GLU A 223 -6.13 -15.49 -8.05
C GLU A 223 -6.46 -16.31 -6.80
N LYS A 224 -5.62 -17.31 -6.49
CA LYS A 224 -5.86 -18.13 -5.31
C LYS A 224 -5.83 -17.30 -4.03
N LEU A 225 -4.83 -16.43 -3.91
CA LEU A 225 -4.73 -15.51 -2.79
C LEU A 225 -6.00 -14.66 -2.66
N GLY A 226 -6.50 -14.15 -3.78
CA GLY A 226 -7.63 -13.22 -3.76
C GLY A 226 -8.92 -13.87 -3.30
N GLN A 227 -8.91 -15.20 -3.23
CA GLN A 227 -10.08 -15.93 -2.76
C GLN A 227 -10.10 -16.06 -1.24
N SCH A 228 -9.01 -15.70 -0.57
CA SCH A 228 -9.01 -15.67 0.86
CB SCH A 228 -7.63 -15.45 1.38
SG SCH A 228 -6.52 -16.77 0.97
SD SCH A 228 -7.18 -18.44 1.91
CE SCH A 228 -8.35 -19.26 0.87
C SCH A 228 -9.94 -14.54 1.25
O SCH A 228 -9.92 -13.45 0.61
N PRO A 229 -10.79 -14.76 2.26
CA PRO A 229 -11.79 -13.71 2.58
C PRO A 229 -11.20 -12.41 3.13
N ASN A 230 -10.09 -12.48 3.86
CA ASN A 230 -9.51 -11.26 4.44
C ASN A 230 -8.43 -10.54 3.62
N ILE A 231 -8.22 -11.00 2.38
CA ILE A 231 -7.26 -10.37 1.47
C ILE A 231 -8.00 -9.55 0.43
N ASP A 232 -7.96 -8.22 0.58
CA ASP A 232 -8.81 -7.33 -0.23
C ASP A 232 -8.15 -6.88 -1.53
N GLY A 233 -6.98 -7.43 -1.84
CA GLY A 233 -6.26 -7.04 -3.04
C GLY A 233 -4.76 -7.14 -2.84
N PHE A 234 -4.00 -6.36 -3.60
CA PHE A 234 -2.55 -6.57 -3.68
C PHE A 234 -1.74 -5.30 -3.77
N LEU A 235 -0.56 -5.32 -3.14
CA LEU A 235 0.50 -4.34 -3.41
C LEU A 235 1.61 -5.07 -4.19
N VAL A 236 1.78 -4.66 -5.44
CA VAL A 236 2.55 -5.38 -6.45
C VAL A 236 3.84 -4.61 -6.73
N GLY A 237 4.98 -5.30 -6.64
CA GLY A 237 6.28 -4.70 -6.91
C GLY A 237 6.76 -4.90 -8.35
N GLY A 238 7.67 -5.84 -8.55
CA GLY A 238 8.23 -6.08 -9.88
C GLY A 238 7.19 -6.26 -10.97
N ALA A 239 6.16 -7.04 -10.70
CA ALA A 239 5.14 -7.28 -11.71
C ALA A 239 4.39 -6.00 -12.16
N SER A 240 4.38 -4.94 -11.34
CA SER A 240 3.67 -3.72 -11.75
C SER A 240 4.36 -3.01 -12.90
N LEU A 241 5.59 -3.43 -13.21
CA LEU A 241 6.36 -2.83 -14.29
C LEU A 241 6.11 -3.54 -15.61
N LYS A 242 5.30 -4.59 -15.56
CA LYS A 242 5.13 -5.51 -16.69
C LYS A 242 3.67 -5.55 -17.14
N PRO A 243 3.43 -6.11 -18.34
CA PRO A 243 2.08 -6.18 -18.91
C PRO A 243 1.07 -6.94 -18.05
N GLU A 244 1.55 -7.87 -17.23
CA GLU A 244 0.65 -8.68 -16.39
C GLU A 244 -0.02 -7.90 -15.24
N PHE A 245 0.44 -6.68 -14.97
CA PHE A 245 -0.26 -5.83 -14.00
C PHE A 245 -1.71 -5.65 -14.44
N MET A 246 -1.91 -5.45 -15.74
N MET A 246 -1.93 -5.48 -15.74
CA MET A 246 -3.25 -5.26 -16.30
CA MET A 246 -3.28 -5.25 -16.25
C MET A 246 -4.14 -6.50 -16.15
C MET A 246 -4.15 -6.51 -16.19
N THR A 247 -3.51 -7.67 -16.27
CA THR A 247 -4.20 -8.94 -16.10
C THR A 247 -4.61 -9.13 -14.65
N MET A 248 -3.73 -8.74 -13.73
CA MET A 248 -4.08 -8.74 -12.30
C MET A 248 -5.30 -7.85 -12.03
N ILE A 249 -5.36 -6.68 -12.66
CA ILE A 249 -6.54 -5.84 -12.49
C ILE A 249 -7.80 -6.60 -12.90
N ASP A 250 -7.75 -7.27 -14.04
CA ASP A 250 -8.91 -8.01 -14.57
C ASP A 250 -9.37 -9.13 -13.61
N ILE A 251 -8.41 -9.90 -13.10
CA ILE A 251 -8.74 -11.00 -12.20
C ILE A 251 -9.30 -10.51 -10.85
N LEU A 252 -8.72 -9.44 -10.32
CA LEU A 252 -9.20 -8.87 -9.05
C LEU A 252 -10.67 -8.50 -9.19
N THR A 253 -11.02 -7.87 -10.31
CA THR A 253 -12.39 -7.46 -10.59
C THR A 253 -13.33 -8.65 -10.61
N LYS A 254 -12.90 -9.74 -11.23
CA LYS A 254 -13.77 -10.89 -11.38
C LYS A 254 -13.92 -11.65 -10.08
N THR A 255 -12.84 -11.71 -9.31
CA THR A 255 -12.85 -12.43 -8.04
C THR A 255 -13.66 -11.74 -6.95
N ARG A 256 -13.49 -10.43 -6.79
CA ARG A 256 -13.99 -9.75 -5.58
C ARG A 256 -15.07 -8.67 -5.79
N THR A 257 -15.56 -8.52 -7.01
CA THR A 257 -16.71 -7.65 -7.26
C THR A 257 -17.85 -8.42 -7.93
S SO4 B . 3.80 -2.62 -21.00
O1 SO4 B . 5.06 -3.36 -21.05
O2 SO4 B . 3.05 -3.01 -19.81
O3 SO4 B . 4.13 -1.19 -20.95
O4 SO4 B . 2.99 -2.90 -22.19
S SO4 C . 7.69 -8.11 -5.60
O1 SO4 C . 6.31 -7.62 -5.68
O2 SO4 C . 7.82 -9.30 -6.45
O3 SO4 C . 8.67 -7.12 -6.07
O4 SO4 C . 7.93 -8.45 -4.20
CA CA D . 5.83 -3.57 -2.97
C1 GOL E . -2.89 11.76 -11.53
O1 GOL E . -3.33 11.59 -12.86
C2 GOL E . -4.10 11.83 -10.62
O2 GOL E . -4.18 13.13 -10.07
C3 GOL E . -3.96 10.81 -9.49
O3 GOL E . -4.87 11.18 -8.47
C1 GOL F . 4.89 -21.73 8.00
O1 GOL F . 3.52 -21.97 7.78
C2 GOL F . 5.06 -20.64 9.05
O2 GOL F . 6.44 -20.43 9.31
C3 GOL F . 4.30 -21.00 10.32
O3 GOL F . 4.84 -20.29 11.41
C1 GOL G . 8.83 -4.43 15.76
O1 GOL G . 8.64 -3.08 16.11
C2 GOL G . 9.55 -4.49 14.42
O2 GOL G . 10.81 -5.15 14.57
C3 GOL G . 9.76 -3.05 13.94
O3 GOL G . 10.64 -3.03 12.83
C1 GOL H . -0.73 -20.71 -4.27
O1 GOL H . -1.11 -21.21 -5.53
C2 GOL H . -1.09 -19.22 -4.18
O2 GOL H . -1.60 -18.73 -5.39
C3 GOL H . 0.16 -18.44 -3.79
O3 GOL H . 0.31 -18.52 -2.38
C1 GOL I . -15.75 -10.17 4.91
O1 GOL I . -16.30 -9.07 5.58
C2 GOL I . -14.95 -10.95 5.95
O2 GOL I . -13.55 -10.89 5.70
C3 GOL I . -15.48 -12.38 5.95
O3 GOL I . -16.32 -12.55 4.84
#